data_5SMG
#
_entry.id   5SMG
#
_cell.length_a   67.422
_cell.length_b   68.042
_cell.length_c   138.544
_cell.angle_alpha   90.000
_cell.angle_beta   90.000
_cell.angle_gamma   90.000
#
_symmetry.space_group_name_H-M   'P 21 21 21'
#
loop_
_entity.id
_entity.type
_entity.pdbx_description
1 polymer 'Proofreading exoribonuclease nsp14'
2 non-polymer 'ZINC ION'
3 non-polymer 'PHOSPHATE ION'
4 non-polymer 3-amino-N-ethyl-N-methylbenzamide
5 water water
#
_entity_poly.entity_id   1
_entity_poly.type   'polypeptide(L)'
_entity_poly.pdbx_seq_one_letter_code
;SMLFKDCSKVITGLHPTQAPTHLSVDTKFKTEGLCVDIPGIPKDMTYRRLISMMGFKMNYQVNGYPNMFITREEAIRHVR
AWIGFDVEGCHATREAVGTNLPLQLGFSTGVNLVAVPTGYVDTPNNTDFSRVSAKPPPGDQFKHLIPLMYKGLPWNVVRI
KIVQMLSDTLKNLSDRVVFVLWAHGFELTSMKYFVKIGPERTCCLCDRRATCFSTASDTYACWHHSIGFDYVYNPFMIDV
QQWGFTGNLQSNHDLYCQVHGNAHVASCDAIMTRCLAVHECFVKRVDWTIEYPIIGDELKINAACRKVQHMVVKAALLAD
KFPVLHDIGNPKAIKCVPQADVEWKFYDAQPCSDKAYKIEELFYSYATHSDKFTDGVCLFWNCNVDRYPANSIVCRFDTR
VLSNLNLPGCDGGSLYVNKHAFHTPAFDKSAFVNLKQLPFFYYSDSPCESHGKQVVSDIDYVPLKSATCITRCNLGGAVC
RHHANEYRLYLDAYNMMISAGFSLWVYKQFDTYNLWNTFTRLQ
;
_entity_poly.pdbx_strand_id   D
#
# COMPACT_ATOMS: atom_id res chain seq x y z
N PRO A 20 -14.28 20.20 13.92
CA PRO A 20 -12.94 19.64 14.18
C PRO A 20 -12.52 18.66 13.09
N THR A 21 -12.42 19.15 11.84
CA THR A 21 -12.00 18.30 10.74
C THR A 21 -10.57 18.66 10.31
N HIS A 22 -10.24 19.97 10.30
CA HIS A 22 -8.88 20.41 9.96
C HIS A 22 -8.05 20.73 11.22
N LEU A 23 -6.73 20.89 11.09
CA LEU A 23 -5.86 21.21 12.21
C LEU A 23 -5.88 22.73 12.40
N SER A 24 -6.35 23.18 13.57
CA SER A 24 -6.43 24.62 13.87
C SER A 24 -5.04 25.25 13.80
N VAL A 25 -4.90 26.37 13.07
CA VAL A 25 -3.61 27.07 13.04
C VAL A 25 -3.20 27.56 14.43
N ASP A 26 -4.16 27.72 15.36
CA ASP A 26 -3.86 28.19 16.71
C ASP A 26 -3.44 27.04 17.66
N THR A 27 -3.33 25.79 17.16
CA THR A 27 -2.83 24.67 17.96
C THR A 27 -1.34 24.92 18.25
N LYS A 28 -0.89 24.49 19.41
CA LYS A 28 0.51 24.63 19.78
C LYS A 28 1.39 23.65 19.04
N PHE A 29 2.60 24.11 18.75
CA PHE A 29 3.61 23.31 18.07
C PHE A 29 4.82 23.25 19.00
N LYS A 30 5.21 22.03 19.42
CA LYS A 30 6.37 21.87 20.29
C LYS A 30 7.63 22.13 19.46
N THR A 31 8.46 23.07 19.90
CA THR A 31 9.64 23.52 19.16
C THR A 31 10.98 22.97 19.60
N GLU A 32 11.02 22.11 20.63
CA GLU A 32 12.29 21.57 21.12
C GLU A 32 13.16 20.89 20.03
N GLY A 33 12.53 20.14 19.14
CA GLY A 33 13.22 19.49 18.03
C GLY A 33 13.81 20.42 16.99
N LEU A 34 13.39 21.69 16.98
CA LEU A 34 13.83 22.72 16.04
C LEU A 34 14.98 23.59 16.57
N CYS A 35 15.27 23.55 17.87
CA CYS A 35 16.16 24.56 18.47
C CYS A 35 17.67 24.38 18.20
N VAL A 36 18.13 23.27 17.62
CA VAL A 36 19.56 23.15 17.26
C VAL A 36 19.78 23.86 15.89
N ASP A 37 18.86 23.67 14.92
CA ASP A 37 18.93 24.39 13.64
C ASP A 37 18.50 25.84 13.83
N ILE A 38 17.52 26.09 14.71
CA ILE A 38 16.98 27.42 14.98
C ILE A 38 17.15 27.80 16.46
N PRO A 39 18.38 28.17 16.88
CA PRO A 39 18.57 28.53 18.30
C PRO A 39 17.83 29.81 18.67
N GLY A 40 17.27 29.83 19.87
CA GLY A 40 16.49 30.96 20.36
C GLY A 40 15.01 30.82 20.08
N ILE A 41 14.59 29.78 19.32
CA ILE A 41 13.18 29.62 18.97
C ILE A 41 12.25 29.62 20.19
N PRO A 42 11.15 30.38 20.14
CA PRO A 42 10.24 30.43 21.30
C PRO A 42 9.65 29.08 21.60
N LYS A 43 9.51 28.78 22.87
CA LYS A 43 8.92 27.52 23.32
C LYS A 43 7.40 27.52 23.06
N ASP A 44 6.79 28.70 23.18
CA ASP A 44 5.39 28.96 22.93
C ASP A 44 5.25 29.29 21.46
N MET A 45 4.62 28.39 20.71
CA MET A 45 4.53 28.54 19.27
C MET A 45 3.24 27.91 18.75
N THR A 46 2.57 28.55 17.81
CA THR A 46 1.38 27.98 17.16
C THR A 46 1.75 27.66 15.71
N TYR A 47 0.90 26.90 15.00
CA TYR A 47 1.12 26.65 13.58
C TYR A 47 1.07 27.99 12.80
N ARG A 48 0.20 28.92 13.23
CA ARG A 48 0.05 30.25 12.63
C ARG A 48 1.38 31.00 12.65
N ARG A 49 2.08 31.00 13.80
CA ARG A 49 3.36 31.68 13.90
C ARG A 49 4.48 30.93 13.15
N LEU A 50 4.46 29.58 13.22
CA LEU A 50 5.41 28.74 12.50
C LEU A 50 5.32 28.97 10.99
N ILE A 51 4.11 28.96 10.43
CA ILE A 51 3.91 29.17 8.97
C ILE A 51 4.44 30.54 8.53
N SER A 52 4.20 31.58 9.36
CA SER A 52 4.68 32.93 9.13
C SER A 52 6.22 32.96 9.12
N MET A 53 6.84 32.27 10.09
CA MET A 53 8.30 32.17 10.23
C MET A 53 8.91 31.41 9.01
N MET A 54 8.14 30.47 8.45
CA MET A 54 8.56 29.73 7.28
C MET A 54 8.49 30.60 5.99
N GLY A 55 8.08 31.87 6.09
CA GLY A 55 7.98 32.78 4.96
C GLY A 55 6.69 32.69 4.18
N PHE A 56 5.63 32.14 4.77
CA PHE A 56 4.33 32.02 4.09
C PHE A 56 3.28 32.95 4.68
N LYS A 57 2.39 33.48 3.84
CA LYS A 57 1.34 34.39 4.32
C LYS A 57 -0.02 33.79 4.00
N MET A 58 -0.78 33.42 5.04
CA MET A 58 -2.10 32.79 4.86
C MET A 58 -3.24 33.82 4.58
N ASN A 59 -2.97 35.13 4.76
CA ASN A 59 -3.88 36.26 4.44
C ASN A 59 -5.36 36.20 4.96
N TYR A 60 -5.68 35.38 5.98
CA TYR A 60 -7.05 35.15 6.49
C TYR A 60 -7.90 34.63 5.33
N GLN A 61 -7.51 33.47 4.79
CA GLN A 61 -8.18 32.92 3.62
C GLN A 61 -9.06 31.68 3.91
N VAL A 62 -10.37 31.82 3.64
CA VAL A 62 -11.34 30.73 3.75
C VAL A 62 -11.55 30.16 2.35
N ASN A 63 -10.52 29.52 1.80
CA ASN A 63 -10.60 29.00 0.44
C ASN A 63 -10.02 27.58 0.32
N GLY A 64 -10.46 26.69 1.20
CA GLY A 64 -10.07 25.29 1.18
C GLY A 64 -8.70 24.89 1.69
N TYR A 65 -7.85 25.86 2.03
CA TYR A 65 -6.49 25.55 2.52
C TYR A 65 -6.29 26.22 3.89
N PRO A 66 -6.91 25.71 4.98
CA PRO A 66 -6.82 26.42 6.27
C PRO A 66 -5.49 26.33 6.99
N ASN A 67 -4.71 25.30 6.68
CA ASN A 67 -3.42 25.08 7.33
C ASN A 67 -2.52 24.20 6.44
N MET A 68 -1.21 24.50 6.35
CA MET A 68 -0.25 23.66 5.62
C MET A 68 -0.09 22.30 6.35
N PHE A 69 -0.20 22.30 7.69
CA PHE A 69 -0.10 21.13 8.52
C PHE A 69 -1.46 20.50 8.72
N ILE A 70 -1.49 19.16 8.80
CA ILE A 70 -2.73 18.39 8.95
C ILE A 70 -2.70 17.48 10.17
N THR A 71 -3.88 17.04 10.63
CA THR A 71 -3.99 16.12 11.76
C THR A 71 -3.50 14.72 11.37
N ARG A 72 -3.24 13.87 12.38
CA ARG A 72 -2.88 12.47 12.20
C ARG A 72 -4.03 11.75 11.48
N GLU A 73 -5.29 12.06 11.82
CA GLU A 73 -6.45 11.45 11.17
C GLU A 73 -6.51 11.82 9.68
N GLU A 74 -6.25 13.10 9.33
CA GLU A 74 -6.23 13.52 7.92
C GLU A 74 -5.04 12.89 7.20
N ALA A 75 -3.88 12.74 7.88
CA ALA A 75 -2.71 12.09 7.31
C ALA A 75 -3.03 10.64 6.95
N ILE A 76 -3.74 9.91 7.85
CA ILE A 76 -4.13 8.52 7.64
C ILE A 76 -5.05 8.37 6.43
N ARG A 77 -6.06 9.26 6.30
CA ARG A 77 -6.94 9.21 5.12
C ARG A 77 -6.18 9.47 3.81
N HIS A 78 -5.03 10.14 3.89
CA HIS A 78 -4.25 10.49 2.71
C HIS A 78 -2.89 9.82 2.70
N VAL A 79 -2.78 8.59 3.26
CA VAL A 79 -1.52 7.83 3.30
C VAL A 79 -0.89 7.67 1.88
N ARG A 80 -1.70 7.58 0.80
CA ARG A 80 -1.14 7.45 -0.55
C ARG A 80 -0.30 8.66 -0.95
N ALA A 81 -0.58 9.85 -0.34
CA ALA A 81 0.14 11.10 -0.62
C ALA A 81 1.46 11.22 0.19
N TRP A 82 1.75 10.28 1.14
CA TRP A 82 2.92 10.44 2.00
C TRP A 82 4.26 10.35 1.30
N ILE A 83 5.08 11.38 1.51
CA ILE A 83 6.43 11.47 1.00
C ILE A 83 7.26 11.96 2.17
N GLY A 84 8.12 11.11 2.67
CA GLY A 84 9.05 11.47 3.72
C GLY A 84 10.01 12.51 3.20
N PHE A 85 10.33 13.52 4.02
CA PHE A 85 11.18 14.61 3.56
C PHE A 85 12.12 15.05 4.66
N ASP A 86 13.40 15.15 4.33
CA ASP A 86 14.41 15.55 5.29
C ASP A 86 15.41 16.47 4.63
N VAL A 87 15.92 17.46 5.37
CA VAL A 87 16.93 18.37 4.85
C VAL A 87 18.10 18.39 5.82
N GLU A 88 19.30 18.18 5.29
CA GLU A 88 20.50 18.20 6.10
C GLU A 88 21.45 19.29 5.61
N GLY A 89 21.98 20.09 6.52
CA GLY A 89 22.93 21.13 6.17
C GLY A 89 24.23 20.52 5.68
N CYS A 90 24.49 20.57 4.36
CA CYS A 90 25.72 20.01 3.77
C CYS A 90 26.94 20.74 4.34
N HIS A 91 26.83 22.07 4.53
CA HIS A 91 27.92 22.85 5.11
C HIS A 91 27.38 23.76 6.23
N GLY A 98 21.03 27.55 5.29
CA GLY A 98 21.32 28.67 6.17
C GLY A 98 21.75 29.91 5.41
N THR A 99 21.18 30.11 4.19
CA THR A 99 21.42 31.20 3.24
C THR A 99 22.84 31.17 2.64
N ASN A 100 23.82 30.60 3.37
CA ASN A 100 25.21 30.55 2.96
C ASN A 100 25.71 29.13 2.67
N LEU A 101 25.01 28.11 3.16
CA LEU A 101 25.44 26.73 3.01
C LEU A 101 24.58 25.87 2.08
N PRO A 102 25.20 24.92 1.37
CA PRO A 102 24.41 23.99 0.53
C PRO A 102 23.57 23.03 1.39
N LEU A 103 22.38 22.68 0.91
CA LEU A 103 21.47 21.81 1.63
C LEU A 103 21.27 20.52 0.87
N GLN A 104 21.18 19.40 1.58
CA GLN A 104 20.91 18.13 0.97
C GLN A 104 19.46 17.81 1.27
N LEU A 105 18.65 17.71 0.23
CA LEU A 105 17.22 17.46 0.31
C LEU A 105 17.01 15.99 0.02
N GLY A 106 16.41 15.27 0.95
CA GLY A 106 16.17 13.84 0.78
C GLY A 106 14.70 13.52 0.84
N PHE A 107 14.27 12.57 0.03
CA PHE A 107 12.86 12.17 -0.07
C PHE A 107 12.73 10.65 0.09
N SER A 108 11.56 10.16 0.57
CA SER A 108 11.38 8.72 0.76
C SER A 108 11.36 7.91 -0.58
N THR A 109 11.45 8.60 -1.73
CA THR A 109 11.65 7.96 -3.04
C THR A 109 13.13 7.50 -3.21
N GLY A 110 14.01 7.81 -2.24
CA GLY A 110 15.43 7.52 -2.30
C GLY A 110 16.25 8.61 -2.96
N VAL A 111 15.62 9.67 -3.41
CA VAL A 111 16.30 10.77 -4.08
C VAL A 111 16.95 11.78 -3.12
N ASN A 112 18.22 12.16 -3.40
CA ASN A 112 18.91 13.22 -2.67
C ASN A 112 19.33 14.26 -3.68
N LEU A 113 18.93 15.51 -3.47
CA LEU A 113 19.27 16.65 -4.30
C LEU A 113 20.10 17.63 -3.48
N VAL A 114 21.14 18.21 -4.07
CA VAL A 114 21.92 19.23 -3.36
C VAL A 114 21.56 20.60 -3.93
N ALA A 115 21.06 21.51 -3.07
CA ALA A 115 20.70 22.86 -3.46
C ALA A 115 21.73 23.86 -2.93
N VAL A 116 22.39 24.59 -3.84
CA VAL A 116 23.35 25.63 -3.46
C VAL A 116 22.67 26.99 -3.48
N PRO A 117 22.95 27.85 -2.48
CA PRO A 117 22.27 29.16 -2.44
C PRO A 117 22.82 30.20 -3.42
N THR A 118 23.93 29.87 -4.14
CA THR A 118 24.66 30.68 -5.12
C THR A 118 23.89 31.89 -5.69
N PRO A 147 18.62 5.99 -2.90
CA PRO A 147 20.04 6.26 -2.67
C PRO A 147 20.71 7.08 -3.78
N LEU A 148 19.93 7.72 -4.67
CA LEU A 148 20.49 8.50 -5.78
C LEU A 148 21.02 9.85 -5.29
N MET A 149 22.32 10.11 -5.49
CA MET A 149 23.00 11.33 -5.06
C MET A 149 23.29 12.26 -6.23
N TYR A 150 22.72 13.48 -6.20
CA TYR A 150 22.96 14.44 -7.28
C TYR A 150 23.89 15.56 -6.84
N LYS A 151 24.66 16.14 -7.78
CA LYS A 151 25.57 17.24 -7.44
C LYS A 151 24.83 18.56 -7.22
N GLY A 152 25.47 19.48 -6.50
CA GLY A 152 24.93 20.79 -6.13
C GLY A 152 24.49 21.67 -7.29
N LEU A 153 23.27 22.19 -7.20
CA LEU A 153 22.65 23.02 -8.24
C LEU A 153 21.79 24.11 -7.61
N PRO A 154 21.60 25.27 -8.28
CA PRO A 154 20.76 26.32 -7.71
C PRO A 154 19.29 25.92 -7.55
N TRP A 155 18.58 26.58 -6.64
CA TRP A 155 17.17 26.32 -6.36
C TRP A 155 16.25 26.39 -7.56
N ASN A 156 16.51 27.30 -8.53
CA ASN A 156 15.65 27.40 -9.70
C ASN A 156 15.62 26.12 -10.53
N VAL A 157 16.69 25.29 -10.48
CA VAL A 157 16.66 24.02 -11.22
C VAL A 157 16.23 22.87 -10.28
N VAL A 158 16.59 22.95 -8.98
CA VAL A 158 16.21 21.95 -7.99
C VAL A 158 14.68 21.83 -7.91
N ARG A 159 13.98 22.96 -7.88
CA ARG A 159 12.53 22.98 -7.80
C ARG A 159 11.85 22.30 -8.99
N ILE A 160 12.43 22.44 -10.19
CA ILE A 160 11.92 21.74 -11.39
C ILE A 160 11.97 20.22 -11.18
N LYS A 161 13.10 19.72 -10.64
CA LYS A 161 13.30 18.30 -10.36
C LYS A 161 12.31 17.80 -9.28
N ILE A 162 12.08 18.60 -8.22
CA ILE A 162 11.14 18.25 -7.14
C ILE A 162 9.73 18.05 -7.73
N VAL A 163 9.26 19.01 -8.52
CA VAL A 163 7.95 18.90 -9.19
C VAL A 163 7.86 17.65 -10.07
N GLN A 164 8.84 17.38 -10.96
CA GLN A 164 8.85 16.19 -11.80
C GLN A 164 8.80 14.90 -10.94
N MET A 165 9.66 14.82 -9.91
CA MET A 165 9.77 13.64 -9.04
C MET A 165 8.45 13.32 -8.32
N LEU A 166 7.84 14.35 -7.70
CA LEU A 166 6.57 14.24 -6.98
C LEU A 166 5.43 13.87 -7.93
N SER A 167 5.35 14.54 -9.10
CA SER A 167 4.30 14.26 -10.08
C SER A 167 4.37 12.82 -10.58
N ASP A 168 5.58 12.31 -10.86
CA ASP A 168 5.73 10.94 -11.34
C ASP A 168 5.42 9.92 -10.26
N THR A 169 5.78 10.23 -9.00
CA THR A 169 5.52 9.31 -7.92
C THR A 169 4.03 9.28 -7.56
N LEU A 170 3.38 10.44 -7.56
CA LEU A 170 2.03 10.58 -7.04
C LEU A 170 0.88 10.63 -8.01
N LYS A 171 1.09 10.84 -9.34
CA LYS A 171 -0.05 11.00 -10.26
C LYS A 171 -1.08 9.87 -10.23
N ASN A 172 -0.65 8.62 -10.06
CA ASN A 172 -1.57 7.49 -9.99
C ASN A 172 -1.93 7.08 -8.54
N LEU A 173 -1.51 7.86 -7.54
CA LEU A 173 -1.76 7.51 -6.15
C LEU A 173 -2.73 8.44 -5.47
N SER A 174 -2.56 9.76 -5.66
CA SER A 174 -3.29 10.73 -4.88
C SER A 174 -3.50 12.08 -5.57
N ASP A 175 -4.44 12.89 -5.05
CA ASP A 175 -4.69 14.24 -5.52
C ASP A 175 -3.80 15.27 -4.80
N ARG A 176 -2.87 14.84 -3.93
CA ARG A 176 -2.05 15.77 -3.17
C ARG A 176 -0.70 15.15 -2.78
N VAL A 177 0.07 15.88 -1.95
CA VAL A 177 1.30 15.41 -1.34
C VAL A 177 1.23 15.78 0.14
N VAL A 178 1.65 14.85 1.01
CA VAL A 178 1.76 15.06 2.44
C VAL A 178 3.23 14.82 2.78
N PHE A 179 4.00 15.89 3.03
CA PHE A 179 5.40 15.75 3.43
C PHE A 179 5.43 15.27 4.88
N VAL A 180 6.00 14.09 5.10
CA VAL A 180 6.10 13.49 6.41
C VAL A 180 7.48 13.83 6.95
N LEU A 181 7.51 14.61 8.03
CA LEU A 181 8.73 15.14 8.61
C LEU A 181 9.08 14.61 10.02
N TRP A 182 10.37 14.70 10.38
CA TRP A 182 10.88 14.57 11.73
C TRP A 182 11.63 15.92 11.84
N ALA A 183 10.83 16.98 12.00
CA ALA A 183 11.26 18.35 11.88
C ALA A 183 12.35 18.79 12.84
N HIS A 184 13.48 19.22 12.27
CA HIS A 184 14.56 19.79 13.04
C HIS A 184 14.84 21.28 12.66
N GLY A 185 14.26 21.79 11.58
CA GLY A 185 14.41 23.20 11.21
C GLY A 185 14.69 23.50 9.75
N PHE A 186 15.80 22.95 9.20
CA PHE A 186 16.22 23.19 7.82
C PHE A 186 15.18 22.77 6.78
N GLU A 187 14.39 21.73 7.03
CA GLU A 187 13.37 21.30 6.06
C GLU A 187 12.23 22.31 6.01
N LEU A 188 11.84 22.86 7.14
CA LEU A 188 10.77 23.84 7.23
C LEU A 188 11.17 25.14 6.57
N THR A 189 12.39 25.59 6.84
CA THR A 189 12.88 26.83 6.25
C THR A 189 13.26 26.69 4.76
N SER A 190 13.39 25.46 4.24
CA SER A 190 13.70 25.27 2.83
C SER A 190 12.42 25.29 1.96
N MET A 191 11.24 25.13 2.56
CA MET A 191 10.00 25.04 1.79
C MET A 191 9.69 26.27 0.95
N LYS A 192 10.05 27.47 1.41
CA LYS A 192 9.82 28.69 0.64
C LYS A 192 10.52 28.70 -0.73
N TYR A 193 11.56 27.87 -0.90
CA TYR A 193 12.30 27.81 -2.15
C TYR A 193 11.67 26.93 -3.23
N PHE A 194 10.61 26.17 -2.90
CA PHE A 194 9.99 25.28 -3.90
C PHE A 194 8.48 25.16 -3.76
N VAL A 195 7.89 25.81 -2.75
CA VAL A 195 6.46 25.76 -2.44
C VAL A 195 5.79 27.14 -2.58
N LYS A 196 4.63 27.17 -3.23
CA LYS A 196 3.77 28.35 -3.29
C LYS A 196 2.40 27.92 -2.73
N ILE A 197 1.75 28.83 -2.02
CA ILE A 197 0.44 28.55 -1.43
C ILE A 197 -0.57 29.62 -1.85
N GLY A 198 -1.85 29.28 -1.72
CA GLY A 198 -2.94 30.20 -2.00
C GLY A 198 -4.25 29.46 -1.90
N PRO A 199 -5.31 30.01 -2.52
CA PRO A 199 -6.60 29.31 -2.50
C PRO A 199 -6.54 27.97 -3.26
N GLU A 200 -7.47 27.05 -2.94
CA GLU A 200 -7.56 25.79 -3.66
C GLU A 200 -7.95 26.08 -5.10
N ARG A 201 -7.26 25.44 -6.02
CA ARG A 201 -7.45 25.67 -7.44
C ARG A 201 -7.63 24.39 -8.22
N THR A 202 -8.06 24.50 -9.48
CA THR A 202 -8.16 23.33 -10.32
C THR A 202 -7.05 23.37 -11.38
N CYS A 203 -6.78 22.23 -12.01
CA CYS A 203 -5.80 22.11 -13.07
C CYS A 203 -6.25 22.93 -14.31
N CYS A 204 -5.29 23.48 -15.05
CA CYS A 204 -5.59 24.24 -16.27
C CYS A 204 -6.08 23.31 -17.39
N LEU A 205 -5.64 22.04 -17.40
CA LEU A 205 -5.98 21.05 -18.41
C LEU A 205 -7.03 20.00 -17.98
N CYS A 206 -7.46 19.97 -16.70
CA CYS A 206 -8.47 19.01 -16.25
C CYS A 206 -9.22 19.48 -14.97
N ASP A 207 -10.16 18.66 -14.46
CA ASP A 207 -10.98 18.99 -13.29
C ASP A 207 -10.32 18.67 -11.95
N ARG A 208 -9.15 18.01 -11.94
CA ARG A 208 -8.46 17.67 -10.69
C ARG A 208 -7.94 18.90 -9.94
N ARG A 209 -7.74 18.79 -8.61
CA ARG A 209 -7.20 19.91 -7.85
C ARG A 209 -5.75 20.15 -8.27
N ALA A 210 -5.33 21.42 -8.24
CA ALA A 210 -3.98 21.80 -8.62
C ALA A 210 -2.97 21.45 -7.53
N THR A 211 -1.88 20.83 -7.94
CA THR A 211 -0.80 20.49 -7.03
C THR A 211 0.53 21.19 -7.39
N CYS A 212 0.62 21.82 -8.55
CA CYS A 212 1.82 22.46 -9.06
C CYS A 212 1.47 23.85 -9.65
N PHE A 213 2.46 24.72 -9.67
CA PHE A 213 2.34 26.05 -10.24
C PHE A 213 3.54 26.30 -11.16
N SER A 214 3.34 27.10 -12.20
CA SER A 214 4.41 27.45 -13.11
C SER A 214 4.59 28.96 -13.17
N THR A 215 5.80 29.47 -12.82
CA THR A 215 6.11 30.90 -12.94
C THR A 215 6.29 31.31 -14.40
N ALA A 216 6.57 30.37 -15.31
CA ALA A 216 6.75 30.66 -16.73
C ALA A 216 5.42 31.02 -17.38
N SER A 217 4.36 30.24 -17.13
CA SER A 217 3.06 30.49 -17.73
C SER A 217 2.02 31.12 -16.81
N ASP A 218 2.31 31.27 -15.51
CA ASP A 218 1.33 31.77 -14.53
C ASP A 218 0.08 30.83 -14.44
N THR A 219 0.27 29.52 -14.64
CA THR A 219 -0.81 28.55 -14.62
C THR A 219 -0.64 27.47 -13.50
N TYR A 220 -1.70 26.68 -13.28
CA TYR A 220 -1.75 25.62 -12.29
C TYR A 220 -2.05 24.28 -12.95
N ALA A 221 -1.50 23.22 -12.38
CA ALA A 221 -1.69 21.89 -12.90
C ALA A 221 -1.79 20.87 -11.81
N CYS A 222 -2.43 19.72 -12.11
CA CYS A 222 -2.46 18.58 -11.22
C CYS A 222 -1.13 17.77 -11.44
N TRP A 223 -0.98 16.57 -10.81
CA TRP A 223 0.23 15.77 -10.99
C TRP A 223 0.33 15.24 -12.44
N HIS A 224 -0.82 14.97 -13.10
CA HIS A 224 -0.78 14.47 -14.49
C HIS A 224 -0.40 15.50 -15.54
N HIS A 225 -0.55 16.82 -15.27
CA HIS A 225 -0.32 17.82 -16.33
C HIS A 225 0.72 18.87 -16.02
N SER A 226 1.65 18.53 -15.13
CA SER A 226 2.63 19.46 -14.61
C SER A 226 4.01 19.50 -15.27
N ILE A 227 4.18 18.90 -16.46
CA ILE A 227 5.49 18.90 -17.12
C ILE A 227 6.00 20.31 -17.37
N GLY A 228 7.23 20.59 -16.91
CA GLY A 228 7.79 21.92 -17.03
C GLY A 228 7.39 22.87 -15.90
N PHE A 229 6.57 22.40 -14.94
CA PHE A 229 6.15 23.23 -13.80
C PHE A 229 7.29 23.29 -12.78
N ASP A 230 7.43 24.43 -12.09
CA ASP A 230 8.55 24.66 -11.19
C ASP A 230 8.21 24.81 -9.69
N TYR A 231 6.93 25.00 -9.32
CA TYR A 231 6.59 25.09 -7.90
C TYR A 231 5.57 24.06 -7.44
N VAL A 232 5.76 23.51 -6.23
CA VAL A 232 4.79 22.63 -5.60
C VAL A 232 3.74 23.59 -5.03
N TYR A 233 2.46 23.33 -5.30
CA TYR A 233 1.40 24.22 -4.89
C TYR A 233 0.47 23.59 -3.86
N ASN A 234 0.23 24.30 -2.75
CA ASN A 234 -0.63 23.84 -1.64
C ASN A 234 -0.31 22.40 -1.17
N PRO A 235 0.97 22.08 -0.88
CA PRO A 235 1.28 20.77 -0.32
C PRO A 235 0.79 20.71 1.14
N PHE A 236 0.75 19.52 1.70
CA PHE A 236 0.41 19.32 3.10
C PHE A 236 1.61 18.69 3.79
N MET A 237 1.63 18.74 5.11
CA MET A 237 2.75 18.21 5.89
C MET A 237 2.33 17.87 7.29
N ILE A 238 3.14 17.02 7.92
CA ILE A 238 2.93 16.58 9.28
C ILE A 238 4.29 16.29 9.91
N ASP A 239 4.47 16.79 11.14
CA ASP A 239 5.70 16.58 11.89
C ASP A 239 5.43 15.47 12.90
N VAL A 240 6.03 14.29 12.65
CA VAL A 240 5.99 13.08 13.48
C VAL A 240 6.49 13.38 14.91
N GLN A 241 7.45 14.32 15.07
CA GLN A 241 7.93 14.71 16.38
C GLN A 241 6.83 15.30 17.27
N GLN A 242 5.69 15.72 16.73
CA GLN A 242 4.61 16.28 17.56
C GLN A 242 3.78 15.19 18.27
N TRP A 243 3.96 13.93 17.89
CA TRP A 243 3.17 12.81 18.39
C TRP A 243 3.59 12.32 19.78
N GLY A 244 4.77 12.72 20.25
CA GLY A 244 5.22 12.37 21.60
C GLY A 244 6.21 11.24 21.62
N PHE A 245 7.47 11.54 21.28
CA PHE A 245 8.51 10.53 21.26
C PHE A 245 9.66 10.91 22.15
N THR A 246 10.38 9.91 22.64
CA THR A 246 11.58 10.11 23.42
C THR A 246 12.73 9.64 22.54
N GLY A 247 13.75 10.46 22.45
CA GLY A 247 14.92 10.11 21.66
C GLY A 247 14.79 10.48 20.20
N ASN A 248 15.87 10.28 19.47
CA ASN A 248 15.95 10.67 18.08
C ASN A 248 15.17 9.72 17.12
N LEU A 249 15.14 10.10 15.84
CA LEU A 249 14.47 9.37 14.79
C LEU A 249 14.98 7.93 14.70
N GLN A 250 16.28 7.72 14.53
CA GLN A 250 16.83 6.37 14.37
C GLN A 250 16.48 5.44 15.52
N SER A 251 16.59 5.91 16.78
CA SER A 251 16.28 5.05 17.92
C SER A 251 14.81 4.62 17.95
N ASN A 252 13.88 5.50 17.54
CA ASN A 252 12.46 5.15 17.49
C ASN A 252 12.14 4.23 16.28
N HIS A 253 12.69 4.55 15.10
CA HIS A 253 12.50 3.74 13.88
C HIS A 253 13.04 2.30 14.10
N ASP A 254 14.27 2.16 14.64
CA ASP A 254 14.94 0.87 14.82
C ASP A 254 14.27 -0.06 15.84
N LEU A 255 13.38 0.48 16.68
CA LEU A 255 12.62 -0.35 17.61
C LEU A 255 11.68 -1.32 16.86
N TYR A 256 11.25 -0.94 15.65
CA TYR A 256 10.24 -1.65 14.86
C TYR A 256 10.71 -2.14 13.50
N CYS A 257 11.90 -1.72 13.04
CA CYS A 257 12.31 -2.04 11.68
C CYS A 257 13.81 -2.24 11.52
N GLN A 258 14.18 -3.32 10.84
CA GLN A 258 15.59 -3.63 10.57
C GLN A 258 15.94 -3.50 9.08
N VAL A 259 14.98 -3.18 8.22
CA VAL A 259 15.21 -3.13 6.79
C VAL A 259 15.76 -1.80 6.29
N HIS A 260 15.47 -0.69 6.99
CA HIS A 260 16.00 0.61 6.61
C HIS A 260 17.19 0.94 7.49
N GLY A 261 18.36 0.99 6.88
CA GLY A 261 19.57 1.35 7.60
C GLY A 261 19.78 2.85 7.60
N ASN A 262 20.86 3.30 8.26
CA ASN A 262 21.17 4.71 8.28
C ASN A 262 22.48 4.98 7.56
N ALA A 263 22.43 5.23 6.24
CA ALA A 263 23.65 5.53 5.49
C ALA A 263 24.12 6.98 5.68
N HIS A 264 23.51 7.72 6.65
CA HIS A 264 23.80 9.10 7.02
C HIS A 264 23.56 10.11 5.89
N VAL A 265 22.56 9.84 5.03
CA VAL A 265 22.13 10.79 4.00
C VAL A 265 20.66 11.17 4.24
N ALA A 266 20.26 12.34 3.75
CA ALA A 266 18.92 12.85 3.95
C ALA A 266 17.78 11.90 3.51
N SER A 267 17.93 11.17 2.40
CA SER A 267 16.88 10.26 1.94
C SER A 267 16.72 9.08 2.93
N CYS A 268 17.80 8.65 3.63
CA CYS A 268 17.69 7.58 4.64
C CYS A 268 16.79 8.05 5.79
N ASP A 269 16.97 9.31 6.22
CA ASP A 269 16.13 9.87 7.27
C ASP A 269 14.68 9.99 6.79
N ALA A 270 14.47 10.44 5.52
CA ALA A 270 13.14 10.60 4.94
C ALA A 270 12.38 9.25 4.91
N ILE A 271 13.09 8.18 4.47
CA ILE A 271 12.57 6.81 4.44
C ILE A 271 12.22 6.35 5.87
N MET A 272 13.13 6.55 6.84
CA MET A 272 12.88 6.14 8.24
C MET A 272 11.68 6.84 8.85
N THR A 273 11.50 8.15 8.52
CA THR A 273 10.43 9.00 9.05
C THR A 273 9.07 8.47 8.58
N ARG A 274 8.94 8.25 7.26
CA ARG A 274 7.71 7.72 6.69
C ARG A 274 7.44 6.30 7.25
N CYS A 275 8.50 5.46 7.40
CA CYS A 275 8.35 4.11 7.93
C CYS A 275 7.84 4.15 9.39
N LEU A 276 8.39 5.06 10.21
CA LEU A 276 7.97 5.19 11.60
C LEU A 276 6.50 5.66 11.65
N ALA A 277 6.13 6.61 10.76
CA ALA A 277 4.76 7.11 10.66
C ALA A 277 3.80 5.97 10.25
N VAL A 278 4.17 5.15 9.25
CA VAL A 278 3.38 3.99 8.83
C VAL A 278 3.24 2.99 10.02
N HIS A 279 4.33 2.73 10.75
CA HIS A 279 4.25 1.84 11.93
C HIS A 279 3.25 2.34 12.96
N GLU A 280 3.32 3.64 13.30
CA GLU A 280 2.43 4.23 14.28
C GLU A 280 0.96 4.23 13.90
N CYS A 281 0.70 4.41 12.61
CA CYS A 281 -0.66 4.59 12.11
C CYS A 281 -1.32 3.34 11.56
N PHE A 282 -0.53 2.32 11.14
CA PHE A 282 -1.10 1.13 10.50
C PHE A 282 -0.63 -0.20 11.08
N VAL A 283 0.38 -0.18 11.96
CA VAL A 283 0.87 -1.40 12.57
C VAL A 283 0.38 -1.46 14.02
N LYS A 284 0.87 -0.56 14.91
CA LYS A 284 0.44 -0.53 16.30
C LYS A 284 -1.01 -0.05 16.48
N ARG A 285 -1.53 0.68 15.50
CA ARG A 285 -2.90 1.18 15.50
C ARG A 285 -3.53 0.70 14.18
N VAL A 286 -4.70 0.05 14.24
CA VAL A 286 -5.33 -0.46 13.02
C VAL A 286 -6.76 0.06 12.92
N ASP A 287 -7.07 0.79 11.85
CA ASP A 287 -8.42 1.30 11.66
C ASP A 287 -9.01 0.81 10.35
N TRP A 288 -9.97 -0.12 10.43
CA TRP A 288 -10.64 -0.62 9.24
C TRP A 288 -11.95 0.14 8.90
N THR A 289 -12.30 1.18 9.65
CA THR A 289 -13.46 2.00 9.34
C THR A 289 -13.14 3.05 8.23
N ILE A 290 -11.84 3.30 7.97
CA ILE A 290 -11.40 4.24 6.98
C ILE A 290 -11.41 3.63 5.60
N GLU A 291 -12.16 4.26 4.72
CA GLU A 291 -12.33 3.89 3.32
C GLU A 291 -11.35 4.72 2.48
N TYR A 292 -10.89 4.15 1.37
CA TYR A 292 -9.96 4.83 0.47
C TYR A 292 -10.55 4.80 -0.95
N PRO A 293 -10.38 5.87 -1.73
CA PRO A 293 -10.95 5.90 -3.09
C PRO A 293 -10.40 4.84 -4.05
N ILE A 294 -11.16 4.57 -5.12
CA ILE A 294 -10.73 3.65 -6.17
C ILE A 294 -9.75 4.39 -7.07
N ILE A 295 -8.53 3.89 -7.21
CA ILE A 295 -7.52 4.50 -8.08
C ILE A 295 -7.01 3.55 -9.20
N GLY A 296 -7.44 2.29 -9.18
CA GLY A 296 -7.00 1.31 -10.15
C GLY A 296 -7.96 0.16 -10.35
N ASP A 297 -7.41 -1.05 -10.37
CA ASP A 297 -8.16 -2.27 -10.60
C ASP A 297 -8.76 -2.92 -9.36
N GLU A 298 -9.02 -2.15 -8.29
CA GLU A 298 -9.62 -2.69 -7.05
C GLU A 298 -10.80 -3.63 -7.28
N LEU A 299 -11.83 -3.17 -7.99
CA LEU A 299 -13.03 -3.97 -8.21
C LEU A 299 -12.76 -5.29 -8.94
N LYS A 300 -11.96 -5.24 -10.01
CA LYS A 300 -11.61 -6.42 -10.80
C LYS A 300 -10.79 -7.39 -9.99
N ILE A 301 -9.78 -6.90 -9.25
CA ILE A 301 -8.91 -7.71 -8.42
C ILE A 301 -9.71 -8.43 -7.33
N ASN A 302 -10.62 -7.71 -6.68
CA ASN A 302 -11.41 -8.29 -5.60
C ASN A 302 -12.41 -9.33 -6.13
N ALA A 303 -13.00 -9.07 -7.30
CA ALA A 303 -13.90 -10.03 -7.95
C ALA A 303 -13.13 -11.28 -8.38
N ALA A 304 -11.91 -11.10 -8.89
CA ALA A 304 -11.06 -12.19 -9.33
C ALA A 304 -10.66 -13.05 -8.13
N CYS A 305 -10.33 -12.41 -6.99
CA CYS A 305 -9.96 -13.09 -5.76
C CYS A 305 -11.08 -14.02 -5.30
N ARG A 306 -12.34 -13.54 -5.36
CA ARG A 306 -13.50 -14.34 -4.97
C ARG A 306 -13.71 -15.50 -5.97
N LYS A 307 -13.48 -15.27 -7.27
CA LYS A 307 -13.67 -16.33 -8.27
C LYS A 307 -12.65 -17.45 -8.09
N VAL A 308 -11.37 -17.08 -7.93
CA VAL A 308 -10.27 -18.02 -7.76
C VAL A 308 -10.46 -18.81 -6.48
N GLN A 309 -10.89 -18.17 -5.39
CA GLN A 309 -11.13 -18.88 -4.12
C GLN A 309 -12.20 -19.95 -4.29
N HIS A 310 -13.32 -19.60 -4.93
CA HIS A 310 -14.39 -20.55 -5.17
C HIS A 310 -13.91 -21.73 -6.02
N MET A 311 -13.16 -21.44 -7.07
CA MET A 311 -12.64 -22.46 -7.99
C MET A 311 -11.68 -23.42 -7.31
N VAL A 312 -10.70 -22.88 -6.59
CA VAL A 312 -9.68 -23.70 -5.98
C VAL A 312 -10.21 -24.59 -4.86
N VAL A 313 -11.06 -24.03 -4.00
CA VAL A 313 -11.60 -24.78 -2.88
C VAL A 313 -12.55 -25.87 -3.36
N LYS A 314 -13.43 -25.52 -4.32
CA LYS A 314 -14.37 -26.46 -4.92
C LYS A 314 -13.63 -27.65 -5.54
N ALA A 315 -12.55 -27.39 -6.28
CA ALA A 315 -11.77 -28.46 -6.91
C ALA A 315 -11.03 -29.27 -5.89
N ALA A 316 -10.49 -28.65 -4.82
CA ALA A 316 -9.78 -29.42 -3.79
C ALA A 316 -10.76 -30.38 -3.08
N LEU A 317 -11.98 -29.90 -2.80
CA LEU A 317 -12.99 -30.73 -2.17
C LEU A 317 -13.42 -31.89 -3.08
N LEU A 318 -13.57 -31.65 -4.37
CA LEU A 318 -13.95 -32.69 -5.32
C LEU A 318 -12.82 -33.71 -5.51
N ALA A 319 -11.57 -33.23 -5.63
CA ALA A 319 -10.42 -34.11 -5.88
C ALA A 319 -10.03 -34.99 -4.70
N ASP A 320 -10.04 -34.44 -3.47
CA ASP A 320 -9.59 -35.23 -2.33
C ASP A 320 -10.68 -35.57 -1.31
N LYS A 321 -11.93 -35.13 -1.54
CA LYS A 321 -13.09 -35.45 -0.72
C LYS A 321 -12.84 -35.30 0.79
N PHE A 322 -12.28 -34.17 1.21
CA PHE A 322 -12.03 -33.92 2.62
C PHE A 322 -13.34 -33.88 3.38
N PRO A 323 -13.42 -34.60 4.51
CA PRO A 323 -14.68 -34.58 5.28
C PRO A 323 -14.86 -33.26 6.06
N VAL A 324 -13.76 -32.56 6.38
CA VAL A 324 -13.83 -31.32 7.14
C VAL A 324 -12.89 -30.23 6.56
N LEU A 325 -13.32 -28.97 6.60
CA LEU A 325 -12.52 -27.83 6.16
C LEU A 325 -12.44 -26.81 7.32
N HIS A 326 -11.21 -26.42 7.70
CA HIS A 326 -10.96 -25.44 8.76
C HIS A 326 -10.61 -24.13 8.06
N ASP A 327 -11.54 -23.18 8.07
CA ASP A 327 -11.41 -21.89 7.40
C ASP A 327 -10.87 -20.87 8.41
N ILE A 328 -9.56 -20.59 8.34
CA ILE A 328 -8.92 -19.69 9.29
C ILE A 328 -8.67 -18.31 8.70
N GLY A 329 -9.26 -17.31 9.32
CA GLY A 329 -9.09 -15.95 8.82
C GLY A 329 -10.21 -15.04 9.22
N ASN A 330 -10.49 -14.04 8.37
CA ASN A 330 -11.49 -13.00 8.60
C ASN A 330 -12.76 -13.47 9.30
N PRO A 331 -13.09 -12.87 10.47
CA PRO A 331 -14.29 -13.29 11.20
C PRO A 331 -15.61 -13.03 10.46
N LYS A 332 -15.61 -12.21 9.40
CA LYS A 332 -16.82 -11.98 8.61
C LYS A 332 -16.91 -12.88 7.37
N ALA A 333 -16.14 -14.01 7.34
CA ALA A 333 -16.16 -14.92 6.19
C ALA A 333 -17.42 -15.73 6.04
N ILE A 334 -17.78 -15.97 4.79
CA ILE A 334 -18.90 -16.75 4.31
C ILE A 334 -18.29 -17.98 3.58
N LYS A 335 -18.97 -19.15 3.57
CA LYS A 335 -18.47 -20.34 2.85
C LYS A 335 -18.27 -19.99 1.37
N CYS A 336 -17.03 -20.13 0.84
CA CYS A 336 -16.78 -19.83 -0.57
C CYS A 336 -17.37 -20.88 -1.52
N VAL A 337 -17.67 -22.10 -1.02
CA VAL A 337 -18.31 -23.17 -1.80
C VAL A 337 -19.58 -23.61 -1.03
N PRO A 338 -20.67 -22.82 -1.10
CA PRO A 338 -21.88 -23.16 -0.34
C PRO A 338 -22.53 -24.52 -0.63
N GLN A 339 -22.38 -25.04 -1.86
CA GLN A 339 -22.98 -26.33 -2.20
C GLN A 339 -22.12 -27.55 -1.82
N ALA A 340 -20.91 -27.35 -1.26
CA ALA A 340 -20.04 -28.47 -0.89
C ALA A 340 -20.58 -29.29 0.28
N ASP A 341 -20.36 -30.61 0.24
CA ASP A 341 -20.86 -31.50 1.28
C ASP A 341 -20.18 -31.30 2.64
N VAL A 342 -18.87 -31.08 2.62
CA VAL A 342 -17.93 -30.91 3.73
C VAL A 342 -18.48 -30.20 5.02
N GLU A 343 -17.92 -30.59 6.17
CA GLU A 343 -18.22 -29.94 7.43
C GLU A 343 -17.34 -28.68 7.43
N TRP A 344 -17.95 -27.52 7.29
CA TRP A 344 -17.23 -26.24 7.24
C TRP A 344 -17.12 -25.63 8.63
N LYS A 345 -15.89 -25.44 9.12
CA LYS A 345 -15.68 -24.85 10.46
C LYS A 345 -14.83 -23.61 10.33
N PHE A 346 -15.26 -22.51 10.96
CA PHE A 346 -14.62 -21.19 10.93
C PHE A 346 -13.88 -20.86 12.23
N TYR A 347 -12.72 -20.21 12.08
CA TYR A 347 -11.84 -19.77 13.15
C TYR A 347 -11.50 -18.32 12.80
N ASP A 348 -11.72 -17.42 13.77
CA ASP A 348 -11.54 -15.99 13.60
C ASP A 348 -10.11 -15.54 13.83
N ALA A 349 -9.59 -14.83 12.86
CA ALA A 349 -8.28 -14.22 12.92
C ALA A 349 -8.32 -13.05 11.96
N GLN A 350 -8.17 -11.86 12.48
CA GLN A 350 -8.11 -10.64 11.72
C GLN A 350 -6.79 -10.61 10.94
N PRO A 351 -6.70 -9.86 9.83
CA PRO A 351 -5.42 -9.77 9.11
C PRO A 351 -4.28 -9.25 9.99
N CYS A 352 -3.24 -10.07 10.23
CA CYS A 352 -2.11 -9.64 11.05
C CYS A 352 -1.39 -8.48 10.36
N SER A 353 -1.09 -7.41 11.10
CA SER A 353 -0.43 -6.24 10.50
C SER A 353 1.03 -6.05 10.95
N ASP A 354 1.47 -6.79 11.98
CA ASP A 354 2.82 -6.65 12.51
C ASP A 354 3.64 -7.86 12.03
N LYS A 355 3.67 -8.94 12.80
CA LYS A 355 4.35 -10.17 12.40
C LYS A 355 3.31 -11.17 11.93
N ALA A 356 3.71 -12.14 11.08
CA ALA A 356 2.81 -13.23 10.67
C ALA A 356 2.39 -14.03 11.92
N TYR A 357 1.17 -14.58 11.95
CA TYR A 357 0.73 -15.38 13.09
C TYR A 357 1.58 -16.61 13.25
N LYS A 358 1.90 -16.97 14.49
CA LYS A 358 2.62 -18.21 14.74
C LYS A 358 1.55 -19.31 14.67
N ILE A 359 1.76 -20.34 13.83
CA ILE A 359 0.81 -21.45 13.70
C ILE A 359 0.55 -22.14 15.08
N GLU A 360 1.55 -22.13 15.98
CA GLU A 360 1.39 -22.72 17.30
C GLU A 360 0.36 -21.95 18.12
N GLU A 361 0.32 -20.61 18.00
CA GLU A 361 -0.66 -19.83 18.75
C GLU A 361 -2.06 -19.96 18.12
N LEU A 362 -2.18 -19.99 16.79
CA LEU A 362 -3.48 -20.13 16.14
C LEU A 362 -4.15 -21.46 16.42
N PHE A 363 -3.36 -22.54 16.52
CA PHE A 363 -3.89 -23.90 16.66
C PHE A 363 -3.81 -24.53 18.02
N TYR A 364 -2.84 -24.12 18.85
CA TYR A 364 -2.67 -24.80 20.15
C TYR A 364 -3.03 -23.91 21.34
N SER A 365 -3.18 -24.54 22.52
CA SER A 365 -3.60 -24.02 23.82
C SER A 365 -5.08 -24.35 24.12
N TYR A 366 -5.56 -25.50 23.57
CA TYR A 366 -6.91 -26.05 23.68
C TYR A 366 -7.99 -25.11 23.18
N HIS A 369 -13.61 -25.73 19.19
CA HIS A 369 -12.75 -26.02 18.04
C HIS A 369 -12.88 -27.47 17.63
N SER A 370 -12.60 -27.78 16.34
CA SER A 370 -12.54 -29.19 15.92
C SER A 370 -11.35 -29.88 16.65
N ASP A 371 -10.34 -29.06 17.10
CA ASP A 371 -9.10 -29.39 17.80
C ASP A 371 -8.13 -30.02 16.81
N LYS A 372 -8.62 -31.02 16.05
CA LYS A 372 -7.83 -31.72 15.07
C LYS A 372 -7.78 -30.97 13.72
N PHE A 373 -6.86 -30.00 13.63
CA PHE A 373 -6.63 -29.30 12.37
C PHE A 373 -5.94 -30.20 11.33
N THR A 374 -5.39 -31.35 11.76
CA THR A 374 -4.76 -32.40 10.97
C THR A 374 -5.82 -33.18 10.15
N ASP A 375 -7.11 -33.12 10.55
CA ASP A 375 -8.22 -33.77 9.84
C ASP A 375 -8.63 -32.87 8.69
N GLY A 376 -8.85 -33.45 7.52
CA GLY A 376 -9.28 -32.70 6.36
C GLY A 376 -8.30 -31.66 5.85
N VAL A 377 -8.80 -30.46 5.58
CA VAL A 377 -7.98 -29.42 4.98
C VAL A 377 -8.15 -28.05 5.67
N CYS A 378 -7.09 -27.26 5.67
CA CYS A 378 -7.11 -25.93 6.25
C CYS A 378 -7.09 -24.94 5.13
N LEU A 379 -7.96 -23.95 5.17
CA LEU A 379 -8.01 -22.91 4.16
C LEU A 379 -7.48 -21.64 4.83
N PHE A 380 -6.38 -21.10 4.32
CA PHE A 380 -5.80 -19.86 4.84
C PHE A 380 -5.88 -18.83 3.71
N TRP A 381 -7.03 -18.18 3.56
CA TRP A 381 -7.22 -17.21 2.48
C TRP A 381 -6.85 -15.81 2.95
N ASN A 382 -5.59 -15.42 2.69
CA ASN A 382 -5.03 -14.15 3.13
C ASN A 382 -4.89 -14.09 4.66
N CYS A 383 -4.63 -15.25 5.30
CA CYS A 383 -4.40 -15.31 6.75
C CYS A 383 -2.92 -15.66 6.85
N ASN A 384 -2.08 -14.67 7.11
CA ASN A 384 -0.64 -14.84 7.00
C ASN A 384 -0.02 -15.49 8.23
N VAL A 385 0.47 -16.72 8.04
CA VAL A 385 1.07 -17.46 9.15
C VAL A 385 2.57 -17.73 8.88
N ASP A 386 3.34 -18.02 9.94
CA ASP A 386 4.76 -18.28 9.82
C ASP A 386 5.10 -19.58 9.01
N ARG A 387 4.28 -20.62 9.17
CA ARG A 387 4.52 -21.88 8.48
C ARG A 387 3.22 -22.61 8.37
N TYR A 388 2.72 -22.73 7.16
CA TYR A 388 1.48 -23.41 6.93
C TYR A 388 1.61 -24.93 7.12
N PRO A 389 0.56 -25.55 7.68
CA PRO A 389 0.57 -27.02 7.77
C PRO A 389 0.47 -27.65 6.37
N ALA A 390 0.97 -28.90 6.24
CA ALA A 390 0.95 -29.61 4.96
C ALA A 390 -0.44 -29.72 4.36
N ASN A 391 -1.51 -29.86 5.16
CA ASN A 391 -2.87 -29.99 4.59
C ASN A 391 -3.55 -28.63 4.35
N SER A 392 -2.88 -27.69 3.63
CA SER A 392 -3.44 -26.36 3.42
C SER A 392 -3.72 -25.95 1.97
N ILE A 393 -4.66 -25.01 1.83
CA ILE A 393 -5.05 -24.27 0.61
C ILE A 393 -4.75 -22.84 1.04
N VAL A 394 -3.82 -22.17 0.35
CA VAL A 394 -3.37 -20.85 0.79
C VAL A 394 -3.35 -19.77 -0.30
N CYS A 395 -3.82 -18.58 0.05
CA CYS A 395 -3.62 -17.37 -0.73
C CYS A 395 -2.79 -16.44 0.16
N ARG A 396 -1.60 -16.06 -0.32
CA ARG A 396 -0.72 -15.20 0.44
C ARG A 396 -0.27 -14.01 -0.43
N PHE A 397 -0.54 -12.78 0.03
CA PHE A 397 -0.12 -11.58 -0.68
C PHE A 397 1.41 -11.41 -0.61
N ASP A 398 2.04 -11.23 -1.78
CA ASP A 398 3.48 -11.00 -1.88
C ASP A 398 3.72 -9.49 -1.77
N THR A 399 4.23 -9.06 -0.61
CA THR A 399 4.49 -7.67 -0.30
C THR A 399 5.52 -7.01 -1.23
N ARG A 400 6.36 -7.83 -1.92
CA ARG A 400 7.37 -7.28 -2.82
C ARG A 400 6.80 -6.74 -4.12
N VAL A 401 5.54 -7.07 -4.45
CA VAL A 401 4.96 -6.68 -5.74
C VAL A 401 4.79 -5.17 -5.89
N LEU A 402 5.25 -4.65 -7.07
CA LEU A 402 5.10 -3.23 -7.40
C LEU A 402 3.73 -2.97 -8.01
N SER A 403 2.99 -2.02 -7.41
CA SER A 403 1.69 -1.54 -7.90
C SER A 403 1.27 -0.21 -7.23
N ASN A 404 0.28 0.48 -7.81
CA ASN A 404 -0.30 1.69 -7.23
C ASN A 404 -1.11 1.37 -5.93
N LEU A 405 -1.50 0.10 -5.72
CA LEU A 405 -2.23 -0.29 -4.52
C LEU A 405 -1.31 -0.63 -3.35
N ASN A 406 -0.11 -1.10 -3.65
CA ASN A 406 0.86 -1.57 -2.68
C ASN A 406 1.94 -0.54 -2.38
N LEU A 407 1.86 0.08 -1.22
CA LEU A 407 2.83 1.10 -0.81
C LEU A 407 3.93 0.47 0.05
N PRO A 408 5.16 1.02 0.04
CA PRO A 408 6.21 0.50 0.92
C PRO A 408 5.80 0.60 2.41
N GLY A 409 6.17 -0.41 3.17
CA GLY A 409 5.81 -0.47 4.58
C GLY A 409 6.95 -0.58 5.56
N CYS A 410 6.63 -1.08 6.76
N CYS A 410 6.66 -1.14 6.73
CA CYS A 410 7.54 -1.22 7.90
CA CYS A 410 7.60 -1.29 7.83
C CYS A 410 8.15 -2.63 8.03
C CYS A 410 8.19 -2.66 7.95
N ASP A 411 9.49 -2.71 8.29
CA ASP A 411 10.19 -3.97 8.52
C ASP A 411 10.01 -5.03 7.39
N GLY A 412 10.08 -4.58 6.14
CA GLY A 412 9.89 -5.47 4.99
C GLY A 412 8.44 -5.64 4.57
N GLY A 413 7.51 -5.26 5.45
CA GLY A 413 6.09 -5.32 5.15
C GLY A 413 5.69 -4.26 4.14
N SER A 414 4.46 -4.34 3.66
CA SER A 414 3.94 -3.38 2.73
C SER A 414 2.57 -2.96 3.17
N LEU A 415 2.17 -1.75 2.77
CA LEU A 415 0.87 -1.23 3.11
C LEU A 415 -0.03 -1.42 1.92
N TYR A 416 -0.88 -2.44 1.95
CA TYR A 416 -1.77 -2.72 0.85
C TYR A 416 -3.06 -1.92 0.97
N VAL A 417 -3.28 -0.96 0.06
CA VAL A 417 -4.45 -0.10 0.15
C VAL A 417 -5.46 -0.40 -0.97
N ASN A 418 -6.52 -1.13 -0.65
CA ASN A 418 -7.57 -1.56 -1.58
C ASN A 418 -8.86 -1.54 -0.76
N LYS A 419 -9.61 -0.42 -0.89
CA LYS A 419 -10.83 -0.06 -0.15
C LYS A 419 -10.45 0.29 1.30
N HIS A 420 -9.66 -0.58 1.96
CA HIS A 420 -9.15 -0.31 3.29
C HIS A 420 -7.61 -0.45 3.26
N ALA A 421 -6.94 0.05 4.30
CA ALA A 421 -5.49 -0.05 4.42
C ALA A 421 -5.11 -1.29 5.23
N PHE A 422 -4.28 -2.14 4.68
CA PHE A 422 -3.85 -3.38 5.34
C PHE A 422 -2.35 -3.44 5.38
N HIS A 423 -1.72 -3.15 6.55
CA HIS A 423 -0.27 -3.35 6.65
C HIS A 423 -0.07 -4.88 6.69
N THR A 424 0.78 -5.41 5.82
CA THR A 424 0.96 -6.86 5.64
C THR A 424 2.38 -7.24 5.95
N PRO A 425 2.60 -8.24 6.83
CA PRO A 425 3.98 -8.67 7.12
C PRO A 425 4.72 -9.18 5.89
N ALA A 426 6.03 -8.96 5.87
CA ALA A 426 6.92 -9.33 4.78
C ALA A 426 6.70 -10.74 4.24
N PHE A 427 6.64 -10.84 2.90
CA PHE A 427 6.53 -12.14 2.24
C PHE A 427 7.76 -12.99 2.59
N ASP A 428 7.54 -14.25 2.91
CA ASP A 428 8.62 -15.14 3.29
C ASP A 428 8.37 -16.50 2.67
N LYS A 429 9.29 -16.93 1.76
CA LYS A 429 9.19 -18.21 1.05
C LYS A 429 9.23 -19.44 1.97
N SER A 430 9.88 -19.33 3.14
CA SER A 430 9.95 -20.45 4.08
C SER A 430 8.59 -20.80 4.68
N ALA A 431 7.59 -19.89 4.62
CA ALA A 431 6.25 -20.19 5.14
C ALA A 431 5.57 -21.33 4.36
N PHE A 432 5.96 -21.56 3.10
CA PHE A 432 5.35 -22.52 2.21
C PHE A 432 6.14 -23.83 2.03
N VAL A 433 7.08 -24.17 2.95
CA VAL A 433 7.90 -25.39 2.80
C VAL A 433 7.10 -26.70 2.76
N ASN A 434 5.93 -26.79 3.42
CA ASN A 434 5.13 -28.02 3.37
C ASN A 434 4.16 -28.09 2.18
N LEU A 435 4.13 -27.04 1.34
CA LEU A 435 3.19 -26.96 0.25
C LEU A 435 3.93 -26.81 -1.11
N LYS A 436 3.16 -26.74 -2.18
CA LYS A 436 3.71 -26.47 -3.50
C LYS A 436 2.89 -25.31 -4.12
N GLN A 437 3.40 -24.69 -5.17
CA GLN A 437 2.68 -23.64 -5.87
C GLN A 437 1.45 -24.27 -6.55
N LEU A 438 0.30 -23.60 -6.45
CA LEU A 438 -0.91 -24.11 -7.07
C LEU A 438 -0.84 -23.77 -8.56
N PRO A 439 -0.90 -24.78 -9.43
CA PRO A 439 -0.89 -24.50 -10.87
C PRO A 439 -2.23 -23.93 -11.36
N PHE A 440 -2.21 -23.22 -12.50
CA PHE A 440 -3.44 -22.73 -13.09
C PHE A 440 -4.26 -23.91 -13.62
N PHE A 441 -5.57 -23.83 -13.46
CA PHE A 441 -6.53 -24.77 -14.01
C PHE A 441 -7.90 -24.11 -13.94
N TYR A 442 -8.78 -24.53 -14.84
CA TYR A 442 -10.16 -24.09 -14.86
C TYR A 442 -10.98 -25.36 -14.75
N TYR A 443 -11.88 -25.45 -13.79
CA TYR A 443 -12.76 -26.62 -13.64
C TYR A 443 -14.20 -26.16 -13.73
N SER A 444 -15.05 -26.93 -14.39
CA SER A 444 -16.48 -26.67 -14.45
C SER A 444 -17.27 -27.92 -14.75
N ASP A 445 -18.33 -28.13 -13.98
CA ASP A 445 -19.30 -29.20 -14.16
C ASP A 445 -20.65 -28.67 -14.71
N SER A 446 -20.74 -27.38 -15.08
CA SER A 446 -21.97 -26.80 -15.60
C SER A 446 -22.26 -27.40 -16.98
N PRO A 447 -23.56 -27.46 -17.39
CA PRO A 447 -23.86 -28.04 -18.70
C PRO A 447 -23.23 -27.24 -19.85
N CYS A 448 -22.86 -27.94 -20.92
CA CYS A 448 -22.29 -27.34 -22.10
C CYS A 448 -23.42 -26.70 -22.89
N GLU A 449 -23.67 -25.41 -22.69
CA GLU A 449 -24.75 -24.71 -23.38
C GLU A 449 -24.45 -23.21 -23.44
N SER A 450 -24.42 -22.65 -24.68
CA SER A 450 -24.06 -21.26 -25.00
C SER A 450 -24.95 -20.15 -24.35
N HIS A 451 -26.24 -20.03 -24.77
CA HIS A 451 -27.17 -18.99 -24.28
C HIS A 451 -26.72 -17.55 -24.55
N GLY A 452 -27.52 -16.83 -25.33
CA GLY A 452 -27.25 -15.44 -25.69
C GLY A 452 -26.52 -15.30 -27.01
N ILE A 459 -18.89 -10.85 -29.06
CA ILE A 459 -17.97 -11.85 -28.52
C ILE A 459 -17.78 -12.99 -29.52
N ASP A 460 -16.86 -12.82 -30.49
CA ASP A 460 -16.65 -13.85 -31.50
C ASP A 460 -15.79 -15.06 -30.99
N TYR A 461 -15.71 -16.15 -31.80
CA TYR A 461 -15.07 -17.38 -31.34
C TYR A 461 -13.92 -17.93 -32.20
N VAL A 462 -12.86 -18.36 -31.51
CA VAL A 462 -11.69 -19.07 -32.01
C VAL A 462 -11.64 -20.32 -31.13
N PRO A 463 -11.63 -21.53 -31.71
CA PRO A 463 -11.69 -22.75 -30.89
C PRO A 463 -10.61 -22.84 -29.80
N LEU A 464 -11.03 -23.23 -28.58
CA LEU A 464 -10.07 -23.35 -27.48
C LEU A 464 -9.49 -24.75 -27.41
N LYS A 465 -8.17 -24.83 -27.32
CA LYS A 465 -7.45 -26.09 -27.11
C LYS A 465 -6.59 -25.86 -25.87
N SER A 466 -6.86 -26.59 -24.79
CA SER A 466 -6.09 -26.42 -23.56
C SER A 466 -6.15 -27.65 -22.70
N ALA A 467 -5.00 -28.10 -22.21
CA ALA A 467 -4.94 -29.24 -21.30
C ALA A 467 -5.52 -28.89 -19.91
N THR A 468 -5.61 -27.58 -19.55
CA THR A 468 -6.09 -27.15 -18.23
C THR A 468 -7.56 -26.72 -18.20
N CYS A 469 -8.33 -27.01 -19.25
CA CYS A 469 -9.76 -26.69 -19.26
C CYS A 469 -10.43 -28.00 -18.85
N ILE A 470 -10.69 -28.18 -17.58
CA ILE A 470 -11.23 -29.41 -17.04
C ILE A 470 -12.77 -29.40 -17.04
N THR A 471 -13.32 -29.79 -18.19
CA THR A 471 -14.76 -29.83 -18.45
C THR A 471 -15.12 -31.13 -19.18
N ARG A 472 -16.43 -31.48 -19.20
CA ARG A 472 -16.97 -32.64 -19.88
C ARG A 472 -16.66 -32.61 -21.37
N CYS A 473 -16.78 -31.43 -22.01
CA CYS A 473 -16.52 -31.24 -23.43
C CYS A 473 -15.07 -31.52 -23.74
N ASN A 474 -14.15 -31.05 -22.89
CA ASN A 474 -12.73 -31.31 -23.11
C ASN A 474 -12.36 -32.78 -22.88
N LEU A 475 -13.05 -33.44 -21.94
CA LEU A 475 -12.89 -34.88 -21.70
C LEU A 475 -13.36 -35.62 -22.99
N GLY A 476 -14.50 -35.19 -23.52
CA GLY A 476 -15.08 -35.69 -24.76
C GLY A 476 -14.35 -35.32 -26.03
N GLY A 477 -13.24 -34.60 -25.91
CA GLY A 477 -12.38 -34.24 -27.04
C GLY A 477 -12.49 -32.89 -27.71
N ALA A 478 -13.47 -32.05 -27.33
CA ALA A 478 -13.66 -30.74 -27.99
C ALA A 478 -14.39 -29.71 -27.10
N VAL A 479 -13.67 -28.68 -26.63
CA VAL A 479 -14.25 -27.62 -25.78
C VAL A 479 -15.42 -26.85 -26.45
N CYS A 480 -16.57 -26.84 -25.78
CA CYS A 480 -17.77 -26.15 -26.25
C CYS A 480 -17.56 -24.60 -26.12
N ARG A 481 -18.37 -23.81 -26.84
CA ARG A 481 -18.25 -22.35 -26.83
C ARG A 481 -18.43 -21.75 -25.42
N HIS A 482 -19.44 -22.21 -24.68
CA HIS A 482 -19.68 -21.70 -23.34
C HIS A 482 -18.47 -21.91 -22.40
N HIS A 483 -17.94 -23.14 -22.35
CA HIS A 483 -16.81 -23.43 -21.48
C HIS A 483 -15.52 -22.76 -21.97
N ALA A 484 -15.39 -22.47 -23.28
CA ALA A 484 -14.24 -21.74 -23.82
C ALA A 484 -14.33 -20.27 -23.35
N ASN A 485 -15.53 -19.67 -23.40
CA ASN A 485 -15.74 -18.28 -22.98
C ASN A 485 -15.48 -18.14 -21.50
N GLU A 486 -15.99 -19.10 -20.69
CA GLU A 486 -15.81 -19.13 -19.25
C GLU A 486 -14.37 -19.37 -18.87
N TYR A 487 -13.64 -20.19 -19.65
CA TYR A 487 -12.23 -20.50 -19.39
C TYR A 487 -11.42 -19.22 -19.57
N ARG A 488 -11.64 -18.50 -20.67
CA ARG A 488 -10.91 -17.28 -20.98
C ARG A 488 -11.17 -16.18 -19.96
N LEU A 489 -12.41 -16.08 -19.48
CA LEU A 489 -12.77 -15.12 -18.45
C LEU A 489 -12.08 -15.46 -17.15
N TYR A 490 -12.05 -16.77 -16.80
CA TYR A 490 -11.38 -17.23 -15.60
C TYR A 490 -9.87 -17.05 -15.67
N LEU A 491 -9.26 -17.33 -16.81
CA LEU A 491 -7.83 -17.13 -17.01
C LEU A 491 -7.48 -15.61 -16.82
N ASP A 492 -8.36 -14.73 -17.30
CA ASP A 492 -8.17 -13.28 -17.15
C ASP A 492 -8.23 -12.88 -15.68
N ALA A 493 -9.22 -13.39 -14.93
CA ALA A 493 -9.37 -13.12 -13.51
C ALA A 493 -8.12 -13.64 -12.75
N TYR A 494 -7.69 -14.86 -13.06
CA TYR A 494 -6.54 -15.48 -12.47
C TYR A 494 -5.26 -14.64 -12.67
N ASN A 495 -4.97 -14.22 -13.93
CA ASN A 495 -3.79 -13.42 -14.23
C ASN A 495 -3.82 -12.06 -13.55
N MET A 496 -5.01 -11.49 -13.38
CA MET A 496 -5.22 -10.21 -12.72
C MET A 496 -4.78 -10.33 -11.25
N MET A 497 -5.28 -11.36 -10.54
CA MET A 497 -4.99 -11.64 -9.15
C MET A 497 -3.49 -11.92 -8.89
N ILE A 498 -2.87 -12.67 -9.80
CA ILE A 498 -1.45 -13.00 -9.70
C ILE A 498 -0.62 -11.72 -9.88
N SER A 499 -0.89 -10.96 -10.94
CA SER A 499 -0.17 -9.72 -11.20
C SER A 499 -0.44 -8.66 -10.12
N ALA A 500 -1.62 -8.69 -9.45
CA ALA A 500 -1.92 -7.81 -8.34
C ALA A 500 -1.03 -8.11 -7.10
N GLY A 501 -0.40 -9.30 -7.05
CA GLY A 501 0.50 -9.69 -5.98
C GLY A 501 0.14 -10.92 -5.17
N PHE A 502 -1.02 -11.51 -5.42
CA PHE A 502 -1.45 -12.69 -4.69
C PHE A 502 -0.75 -13.97 -5.18
N SER A 503 -0.30 -14.80 -4.25
CA SER A 503 0.35 -16.07 -4.58
C SER A 503 -0.51 -17.21 -4.02
N LEU A 504 -0.60 -18.32 -4.75
CA LEU A 504 -1.45 -19.45 -4.37
C LEU A 504 -0.65 -20.71 -4.14
N TRP A 505 -0.94 -21.38 -3.02
CA TRP A 505 -0.21 -22.56 -2.60
C TRP A 505 -1.18 -23.66 -2.15
N VAL A 506 -0.78 -24.92 -2.32
CA VAL A 506 -1.66 -26.04 -2.04
C VAL A 506 -0.89 -27.26 -1.51
N TYR A 507 -1.64 -28.17 -0.82
CA TYR A 507 -1.09 -29.42 -0.31
C TYR A 507 -0.45 -30.23 -1.47
N LYS A 508 0.73 -30.82 -1.23
CA LYS A 508 1.49 -31.52 -2.28
C LYS A 508 0.72 -32.59 -3.08
N GLN A 509 -0.24 -33.27 -2.45
CA GLN A 509 -1.01 -34.31 -3.12
C GLN A 509 -2.04 -33.77 -4.12
N PHE A 510 -2.28 -32.44 -4.16
CA PHE A 510 -3.26 -31.89 -5.09
C PHE A 510 -2.91 -32.22 -6.54
N ASP A 511 -3.84 -32.83 -7.27
CA ASP A 511 -3.60 -33.24 -8.64
C ASP A 511 -4.89 -33.05 -9.41
N THR A 512 -4.88 -32.18 -10.44
CA THR A 512 -6.09 -31.95 -11.26
C THR A 512 -6.52 -33.21 -12.05
N TYR A 513 -5.62 -34.21 -12.20
CA TYR A 513 -6.01 -35.46 -12.85
C TYR A 513 -7.20 -36.13 -12.12
N ASN A 514 -7.32 -35.86 -10.80
CA ASN A 514 -8.41 -36.40 -9.99
C ASN A 514 -9.76 -35.72 -10.28
N LEU A 515 -9.79 -34.61 -11.03
CA LEU A 515 -11.04 -33.95 -11.38
C LEU A 515 -11.77 -34.58 -12.59
N TRP A 516 -11.03 -35.22 -13.49
CA TRP A 516 -11.65 -35.79 -14.70
C TRP A 516 -12.75 -36.84 -14.38
N ASN A 517 -12.57 -37.65 -13.31
CA ASN A 517 -13.58 -38.66 -12.96
C ASN A 517 -14.79 -38.09 -12.20
N THR A 518 -14.84 -36.76 -11.95
CA THR A 518 -16.02 -36.15 -11.36
C THR A 518 -17.15 -35.92 -12.42
N PHE A 519 -16.91 -36.31 -13.70
CA PHE A 519 -17.88 -36.31 -14.81
C PHE A 519 -18.03 -37.79 -15.19
N THR A 520 -19.18 -38.41 -14.86
CA THR A 520 -19.41 -39.83 -15.17
C THR A 520 -20.77 -40.07 -15.80
#